data_4XVH
#
_entry.id   4XVH
#
_cell.length_a   114.730
_cell.length_b   134.310
_cell.length_c   50.350
_cell.angle_alpha   90.00
_cell.angle_beta   90.00
_cell.angle_gamma   90.00
#
_symmetry.space_group_name_H-M   'C 2 2 21'
#
loop_
_entity.id
_entity.type
_entity.pdbx_description
1 polymer 'Carbohydrate esterase family 2 (CE2)'
2 non-polymer GLYCEROL
3 non-polymer 2,5,8,11,14,17,20,23,26,29,32,35,38,41,44,47,50,53,56,59,62,65,68,71,74,77,80-HEPTACOSAOXADOOCTACONTAN-82-OL
4 water water
#
_entity_poly.entity_id   1
_entity_poly.type   'polypeptide(L)'
_entity_poly.pdbx_seq_one_letter_code
;SVRYLGRVNPATKELSWPGTGVSFAFTGTSATIGIASVSGTNSVDLVIDGGEPIVISDFAGTGISTPAGLRKGKHTVVLR
RRSEPAYGSIFLGNITTDGHFVPTAPAPKRQIDIIGDSITVGYGLDGTFPCTNTAALEDNPKTYGVLAANALGADYSVVA
WSGKGLIRNFASGSPDTSPLMPQLYTRYGANDADGSYPFPRSWSPDAVVINLGTNDFGYLGVRDPIDVAAYTDAMVKFVQ
DIQKHYPRAHFFLLNSPMLSDTWPTAADAQKTTQTNAIKNAVSRLGAKAHFVDWPTQGSDVGCDYHPNAATHAAEGEVLA
KAIAAALGW
;
_entity_poly.pdbx_strand_id   A
#
loop_
_chem_comp.id
_chem_comp.type
_chem_comp.name
_chem_comp.formula
GOL non-polymer GLYCEROL 'C3 H8 O3'
PEU non-polymer 2,5,8,11,14,17,20,23,26,29,32,35,38,41,44,47,50,53,56,59,62,65,68,71,74,77,80-HEPTACOSAOXADOOCTACONTAN-82-OL 'C55 H112 O28'
#
# COMPACT_ATOMS: atom_id res chain seq x y z
N SER A 1 13.85 -6.67 20.79
CA SER A 1 12.44 -6.33 20.74
C SER A 1 11.98 -6.12 19.27
N VAL A 2 11.00 -6.91 18.87
CA VAL A 2 10.48 -6.87 17.50
C VAL A 2 9.69 -5.60 17.29
N ARG A 3 9.79 -4.97 16.13
CA ARG A 3 8.81 -3.93 15.88
C ARG A 3 7.97 -4.26 14.67
N TYR A 4 6.69 -3.95 14.82
CA TYR A 4 5.73 -4.19 13.76
C TYR A 4 5.74 -3.04 12.76
N LEU A 5 5.66 -3.42 11.49
CA LEU A 5 5.67 -2.49 10.39
C LEU A 5 4.26 -2.31 9.83
N GLY A 6 3.86 -1.06 9.61
CA GLY A 6 2.55 -0.80 9.03
C GLY A 6 1.45 -0.92 10.07
N ARG A 7 0.20 -0.92 9.61
CA ARG A 7 -0.92 -0.93 10.50
C ARG A 7 -1.26 -2.37 10.88
N VAL A 8 -0.87 -2.78 12.09
CA VAL A 8 -1.07 -4.17 12.54
C VAL A 8 -1.78 -4.17 13.88
N ASN A 9 -2.95 -4.79 13.94
CA ASN A 9 -3.71 -4.85 15.19
C ASN A 9 -2.96 -5.69 16.20
N PRO A 10 -2.47 -5.09 17.29
CA PRO A 10 -1.71 -5.90 18.26
C PRO A 10 -2.56 -6.95 18.98
N ALA A 11 -3.90 -6.86 18.91
CA ALA A 11 -4.75 -7.87 19.53
C ALA A 11 -4.82 -9.15 18.68
N THR A 12 -4.47 -9.05 17.41
CA THR A 12 -4.52 -10.21 16.52
C THR A 12 -3.18 -10.60 15.92
N LYS A 13 -2.25 -9.63 15.86
CA LYS A 13 -0.98 -9.78 15.18
C LYS A 13 -1.14 -10.28 13.73
N GLU A 14 -2.25 -9.85 13.11
CA GLU A 14 -2.53 -10.21 11.72
C GLU A 14 -1.85 -9.27 10.76
N LEU A 15 -1.03 -9.84 9.89
CA LEU A 15 -0.50 -9.11 8.75
C LEU A 15 -1.57 -9.10 7.68
N SER A 16 -2.33 -8.02 7.67
CA SER A 16 -3.50 -7.90 6.82
C SER A 16 -3.25 -6.93 5.66
N TRP A 17 -2.98 -5.66 5.95
CA TRP A 17 -2.70 -4.71 4.87
C TRP A 17 -1.39 -5.06 4.13
N PRO A 18 -1.28 -4.64 2.85
CA PRO A 18 -0.04 -4.81 2.11
C PRO A 18 1.10 -4.11 2.81
N GLY A 19 2.29 -4.68 2.74
CA GLY A 19 3.47 -4.01 3.28
C GLY A 19 3.65 -4.23 4.77
N THR A 20 2.65 -4.79 5.46
CA THR A 20 2.81 -4.96 6.91
C THR A 20 3.80 -6.08 7.24
N GLY A 21 4.38 -6.04 8.43
CA GLY A 21 5.38 -7.04 8.76
C GLY A 21 6.15 -6.75 10.02
N VAL A 22 7.40 -7.21 10.08
CA VAL A 22 8.16 -7.07 11.33
C VAL A 22 9.62 -6.82 11.02
N SER A 23 10.30 -6.12 11.91
CA SER A 23 11.72 -5.88 11.79
CA SER A 23 11.73 -6.00 11.77
C SER A 23 12.38 -6.22 13.13
N PHE A 24 13.51 -6.91 13.10
CA PHE A 24 14.21 -7.20 14.34
C PHE A 24 15.67 -7.52 14.02
N ALA A 25 16.46 -7.67 15.07
CA ALA A 25 17.84 -8.07 14.87
C ALA A 25 18.17 -9.11 15.92
N PHE A 26 19.10 -10.00 15.61
CA PHE A 26 19.49 -11.01 16.58
C PHE A 26 20.98 -11.30 16.42
N THR A 27 21.54 -11.94 17.43
CA THR A 27 22.85 -12.51 17.22
C THR A 27 22.78 -14.02 17.42
N GLY A 28 23.32 -14.75 16.47
CA GLY A 28 23.21 -16.20 16.48
C GLY A 28 23.37 -16.72 15.06
N THR A 29 22.83 -17.90 14.80
CA THR A 29 22.90 -18.49 13.46
C THR A 29 21.52 -18.58 12.79
N SER A 30 20.47 -18.39 13.57
CA SER A 30 19.12 -18.58 13.02
C SER A 30 18.04 -17.85 13.82
N ALA A 31 16.99 -17.44 13.13
CA ALA A 31 15.77 -16.91 13.76
C ALA A 31 14.54 -17.45 13.05
N THR A 32 13.45 -17.61 13.79
CA THR A 32 12.21 -18.08 13.20
C THR A 32 11.04 -17.18 13.56
N ILE A 33 10.33 -16.71 12.54
CA ILE A 33 9.10 -15.96 12.73
C ILE A 33 7.95 -16.93 12.74
N GLY A 34 7.47 -17.28 13.94
CA GLY A 34 6.39 -18.22 14.05
C GLY A 34 5.13 -17.73 13.34
N ILE A 35 4.33 -18.67 12.85
CA ILE A 35 3.06 -18.36 12.24
C ILE A 35 1.95 -19.07 12.98
N ALA A 36 1.01 -18.30 13.50
CA ALA A 36 -0.09 -18.86 14.25
C ALA A 36 -1.07 -19.50 13.29
N SER A 37 -1.40 -18.81 12.21
CA SER A 37 -2.28 -19.38 11.21
C SER A 37 -2.14 -18.62 9.92
N VAL A 38 -2.54 -19.25 8.82
CA VAL A 38 -2.50 -18.53 7.57
C VAL A 38 -3.81 -18.83 6.84
N SER A 39 -4.37 -17.83 6.19
CA SER A 39 -5.56 -18.06 5.37
C SER A 39 -5.36 -17.56 3.96
N GLY A 40 -5.99 -18.25 3.01
CA GLY A 40 -5.93 -17.92 1.60
C GLY A 40 -4.51 -17.95 1.08
N THR A 41 -4.17 -17.04 0.17
CA THR A 41 -2.83 -17.08 -0.39
C THR A 41 -2.15 -15.76 -0.04
N ASN A 42 -0.83 -15.80 0.05
CA ASN A 42 -0.04 -14.68 0.56
C ASN A 42 1.32 -14.73 -0.06
N SER A 43 2.05 -13.61 -0.06
CA SER A 43 3.50 -13.72 -0.28
C SER A 43 4.17 -12.61 0.48
N VAL A 44 5.41 -12.85 0.86
CA VAL A 44 6.16 -11.91 1.65
C VAL A 44 7.55 -11.84 1.08
N ASP A 45 8.19 -10.70 1.33
CA ASP A 45 9.64 -10.53 1.15
C ASP A 45 10.32 -10.75 2.49
N LEU A 46 11.37 -11.56 2.52
CA LEU A 46 12.18 -11.68 3.74
C LEU A 46 13.56 -11.11 3.42
N VAL A 47 13.96 -10.03 4.11
CA VAL A 47 15.22 -9.37 3.80
C VAL A 47 16.19 -9.58 4.96
N ILE A 48 17.32 -10.21 4.66
CA ILE A 48 18.30 -10.56 5.67
C ILE A 48 19.56 -9.73 5.49
N ASP A 49 20.02 -9.06 6.56
CA ASP A 49 21.21 -8.24 6.46
C ASP A 49 21.12 -7.22 5.32
N GLY A 50 19.91 -6.73 5.09
CA GLY A 50 19.61 -5.81 4.02
C GLY A 50 19.90 -6.34 2.63
N GLY A 51 19.83 -7.65 2.45
CA GLY A 51 20.12 -8.22 1.15
C GLY A 51 18.94 -8.26 0.20
N GLU A 52 19.10 -9.00 -0.90
CA GLU A 52 18.03 -9.20 -1.85
C GLU A 52 16.84 -9.89 -1.18
N PRO A 53 15.63 -9.40 -1.46
CA PRO A 53 14.43 -10.00 -0.85
C PRO A 53 14.30 -11.47 -1.16
N ILE A 54 14.01 -12.30 -0.15
CA ILE A 54 13.70 -13.70 -0.41
C ILE A 54 12.19 -13.75 -0.53
N VAL A 55 11.68 -14.17 -1.68
CA VAL A 55 10.23 -14.14 -1.91
C VAL A 55 9.63 -15.46 -1.48
N ILE A 56 8.69 -15.40 -0.54
CA ILE A 56 8.09 -16.58 0.01
C ILE A 56 6.58 -16.53 -0.19
N SER A 57 5.99 -17.58 -0.74
CA SER A 57 4.54 -17.60 -0.95
CA SER A 57 4.55 -17.63 -1.03
C SER A 57 3.92 -18.91 -0.48
N ASP A 58 4.77 -19.81 0.02
CA ASP A 58 4.29 -21.03 0.64
C ASP A 58 4.73 -21.09 2.08
N PHE A 59 3.76 -21.19 2.97
CA PHE A 59 4.05 -21.27 4.40
C PHE A 59 3.54 -22.61 4.88
N ALA A 60 4.42 -23.61 4.75
CA ALA A 60 4.03 -25.00 5.01
C ALA A 60 3.40 -25.14 6.39
N GLY A 61 4.22 -24.94 7.41
CA GLY A 61 3.66 -24.99 8.74
C GLY A 61 4.18 -24.10 9.80
N THR A 62 5.37 -24.40 10.29
CA THR A 62 5.80 -23.86 11.55
C THR A 62 5.95 -22.32 11.55
N GLY A 63 6.63 -21.81 10.54
CA GLY A 63 6.97 -20.42 10.52
C GLY A 63 7.96 -20.15 9.44
N ILE A 64 8.49 -18.95 9.44
CA ILE A 64 9.41 -18.47 8.42
C ILE A 64 10.78 -18.35 9.04
N SER A 65 11.72 -19.19 8.63
CA SER A 65 13.07 -19.14 9.21
C SER A 65 14.05 -18.41 8.34
N THR A 66 15.05 -17.82 8.98
CA THR A 66 16.18 -17.21 8.27
C THR A 66 16.88 -18.29 7.40
N PRO A 67 17.59 -17.86 6.34
CA PRO A 67 18.26 -18.79 5.43
C PRO A 67 19.40 -19.59 6.07
N ALA A 68 19.56 -20.84 5.64
CA ALA A 68 20.73 -21.62 6.05
C ALA A 68 21.98 -20.92 5.55
N GLY A 69 23.07 -21.09 6.29
CA GLY A 69 24.38 -20.64 5.83
C GLY A 69 24.87 -19.35 6.46
N LEU A 70 24.05 -18.71 7.30
CA LEU A 70 24.47 -17.47 7.95
C LEU A 70 25.64 -17.76 8.90
N ARG A 71 26.52 -16.78 9.08
CA ARG A 71 27.63 -16.95 10.00
C ARG A 71 27.17 -16.53 11.39
N LYS A 72 27.55 -17.28 12.43
CA LYS A 72 27.20 -16.89 13.79
C LYS A 72 27.58 -15.45 14.09
N GLY A 73 26.60 -14.64 14.46
CA GLY A 73 26.85 -13.24 14.73
C GLY A 73 25.59 -12.41 14.55
N LYS A 74 25.75 -11.09 14.47
CA LYS A 74 24.59 -10.20 14.37
C LYS A 74 23.92 -10.26 12.99
N HIS A 75 22.60 -10.35 12.96
CA HIS A 75 21.88 -10.27 11.69
C HIS A 75 20.63 -9.42 11.87
N THR A 76 20.20 -8.78 10.79
CA THR A 76 18.95 -8.02 10.78
C THR A 76 17.94 -8.79 9.94
N VAL A 77 16.67 -8.69 10.33
CA VAL A 77 15.60 -9.35 9.61
C VAL A 77 14.45 -8.36 9.40
N VAL A 78 14.05 -8.21 8.15
CA VAL A 78 12.84 -7.42 7.82
C VAL A 78 11.92 -8.28 6.97
N LEU A 79 10.71 -8.49 7.47
CA LEU A 79 9.66 -9.20 6.74
C LEU A 79 8.57 -8.23 6.31
N ARG A 80 8.22 -8.25 5.03
CA ARG A 80 7.09 -7.43 4.58
C ARG A 80 6.15 -8.15 3.62
N ARG A 81 4.86 -8.01 3.85
CA ARG A 81 3.85 -8.57 2.99
C ARG A 81 3.89 -7.92 1.63
N ARG A 82 3.90 -8.73 0.61
CA ARG A 82 3.83 -8.25 -0.77
C ARG A 82 2.36 -8.06 -1.22
N SER A 83 1.46 -8.84 -0.63
CA SER A 83 0.11 -9.03 -1.16
C SER A 83 -0.97 -8.42 -0.27
N GLU A 84 -2.23 -8.69 -0.59
CA GLU A 84 -3.32 -7.90 -0.02
C GLU A 84 -4.39 -8.76 0.67
N PRO A 85 -5.24 -8.14 1.49
CA PRO A 85 -6.21 -8.92 2.26
C PRO A 85 -7.17 -9.74 1.41
N ALA A 86 -7.46 -9.28 0.19
CA ALA A 86 -8.44 -9.95 -0.63
C ALA A 86 -8.03 -11.38 -0.93
N TYR A 87 -6.72 -11.64 -0.95
CA TYR A 87 -6.23 -12.99 -1.28
C TYR A 87 -6.01 -13.84 -0.03
N GLY A 88 -5.72 -13.19 1.10
CA GLY A 88 -5.60 -13.89 2.38
C GLY A 88 -4.85 -13.05 3.38
N SER A 89 -4.51 -13.62 4.52
CA SER A 89 -3.66 -12.93 5.48
C SER A 89 -2.79 -13.91 6.28
N ILE A 90 -1.82 -13.39 7.02
CA ILE A 90 -0.96 -14.22 7.87
C ILE A 90 -1.13 -13.80 9.33
N PHE A 91 -1.43 -14.74 10.22
CA PHE A 91 -1.47 -14.39 11.64
C PHE A 91 -0.16 -14.82 12.31
N LEU A 92 0.60 -13.85 12.83
CA LEU A 92 1.91 -14.13 13.37
C LEU A 92 1.83 -14.76 14.75
N GLY A 93 2.80 -15.63 15.04
CA GLY A 93 2.99 -16.20 16.37
C GLY A 93 4.16 -15.53 17.08
N ASN A 94 4.98 -16.33 17.76
CA ASN A 94 6.16 -15.78 18.42
C ASN A 94 7.44 -15.88 17.59
N ILE A 95 8.33 -14.92 17.81
CA ILE A 95 9.59 -14.88 17.10
C ILE A 95 10.70 -15.39 18.00
N THR A 96 11.49 -16.33 17.50
CA THR A 96 12.53 -16.97 18.31
C THR A 96 13.88 -16.90 17.59
N THR A 97 14.96 -17.07 18.35
CA THR A 97 16.30 -17.18 17.78
C THR A 97 17.08 -18.25 18.51
N ASP A 98 18.13 -18.77 17.88
CA ASP A 98 19.00 -19.71 18.56
C ASP A 98 20.07 -19.01 19.40
N GLY A 99 20.07 -17.69 19.39
CA GLY A 99 20.99 -16.91 20.20
C GLY A 99 20.17 -15.94 21.04
N HIS A 100 20.33 -14.64 20.80
CA HIS A 100 19.42 -13.70 21.44
C HIS A 100 19.14 -12.46 20.59
N PHE A 101 18.03 -11.79 20.91
CA PHE A 101 17.65 -10.57 20.22
C PHE A 101 18.52 -9.40 20.65
N VAL A 102 18.87 -8.54 19.70
CA VAL A 102 19.70 -7.40 20.01
C VAL A 102 18.95 -6.18 19.50
N PRO A 103 19.31 -4.99 19.98
CA PRO A 103 18.54 -3.80 19.62
C PRO A 103 18.49 -3.53 18.12
N THR A 104 17.29 -3.12 17.67
CA THR A 104 17.05 -2.69 16.29
C THR A 104 17.59 -1.28 16.14
N ALA A 105 18.07 -0.92 14.96
CA ALA A 105 18.39 0.48 14.72
C ALA A 105 17.09 1.29 14.88
N PRO A 106 17.18 2.47 15.50
CA PRO A 106 15.97 3.24 15.88
C PRO A 106 15.07 3.54 14.69
N ALA A 107 13.76 3.54 14.94
CA ALA A 107 12.78 3.70 13.89
C ALA A 107 12.82 5.12 13.31
N PRO A 108 12.52 5.24 12.00
CA PRO A 108 12.54 6.53 11.34
C PRO A 108 11.63 7.58 12.02
N LYS A 109 12.03 8.86 11.97
CA LYS A 109 11.18 9.93 12.46
C LYS A 109 10.12 10.29 11.42
N ARG A 110 10.41 10.00 10.15
CA ARG A 110 9.48 10.37 9.07
C ARG A 110 8.46 9.25 8.83
N GLN A 111 7.20 9.62 8.61
CA GLN A 111 6.15 8.61 8.50
C GLN A 111 5.17 8.99 7.40
N ILE A 112 4.76 8.01 6.60
CA ILE A 112 3.89 8.29 5.45
C ILE A 112 2.77 7.26 5.32
N ASP A 113 1.52 7.73 5.17
CA ASP A 113 0.41 6.84 4.80
C ASP A 113 0.25 6.83 3.28
N ILE A 114 -0.02 5.64 2.73
CA ILE A 114 -0.31 5.53 1.30
C ILE A 114 -1.64 4.81 1.13
N ILE A 115 -2.63 5.50 0.57
CA ILE A 115 -3.99 4.98 0.54
C ILE A 115 -4.44 4.81 -0.90
N GLY A 116 -4.95 3.63 -1.28
CA GLY A 116 -5.38 3.47 -2.65
C GLY A 116 -6.01 2.14 -3.00
N ASP A 117 -5.88 1.79 -4.27
CA ASP A 117 -6.50 0.57 -4.78
C ASP A 117 -5.43 -0.42 -5.24
N SER A 118 -5.72 -1.16 -6.31
CA SER A 118 -4.82 -2.21 -6.76
C SER A 118 -3.43 -1.63 -7.14
N ILE A 119 -3.41 -0.39 -7.61
CA ILE A 119 -2.15 0.23 -8.01
C ILE A 119 -1.25 0.44 -6.77
N THR A 120 -1.88 0.80 -5.67
CA THR A 120 -1.16 1.03 -4.43
C THR A 120 -0.83 -0.28 -3.73
N VAL A 121 -1.68 -1.29 -3.92
CA VAL A 121 -1.33 -2.63 -3.47
C VAL A 121 -0.06 -3.12 -4.14
N GLY A 122 0.00 -2.95 -5.47
CA GLY A 122 1.01 -3.62 -6.26
C GLY A 122 0.48 -4.83 -7.00
N TYR A 123 -0.81 -4.80 -7.30
CA TYR A 123 -1.48 -5.81 -8.13
C TYR A 123 -0.67 -6.11 -9.40
N GLY A 124 -0.37 -7.38 -9.66
CA GLY A 124 0.17 -7.74 -10.98
C GLY A 124 1.57 -7.22 -11.31
N LEU A 125 2.22 -6.60 -10.32
CA LEU A 125 3.46 -5.84 -10.55
C LEU A 125 4.57 -6.73 -11.15
N ASP A 126 4.74 -7.92 -10.58
CA ASP A 126 5.81 -8.81 -11.05
C ASP A 126 5.37 -9.62 -12.25
N GLY A 127 4.13 -9.44 -12.70
CA GLY A 127 3.61 -10.31 -13.75
C GLY A 127 4.05 -9.83 -15.12
N THR A 128 4.16 -10.76 -16.07
CA THR A 128 4.42 -10.42 -17.47
C THR A 128 3.08 -10.46 -18.20
N PHE A 129 2.60 -9.34 -18.73
CA PHE A 129 1.31 -9.40 -19.44
C PHE A 129 1.43 -10.33 -20.64
N PRO A 130 0.41 -11.17 -20.91
CA PRO A 130 -0.81 -11.35 -20.13
C PRO A 130 -0.62 -12.37 -19.01
N CYS A 131 -1.24 -12.15 -17.85
CA CYS A 131 -1.07 -13.07 -16.73
C CYS A 131 -2.24 -12.94 -15.76
N THR A 132 -2.53 -14.03 -15.04
CA THR A 132 -3.50 -13.97 -13.95
C THR A 132 -2.82 -13.53 -12.65
N ASN A 133 -3.37 -12.49 -12.04
CA ASN A 133 -2.81 -11.99 -10.79
C ASN A 133 -2.87 -13.06 -9.72
N THR A 134 -1.85 -13.11 -8.88
CA THR A 134 -1.82 -14.02 -7.74
C THR A 134 -1.21 -13.25 -6.59
N ALA A 135 -1.36 -13.73 -5.36
CA ALA A 135 -0.65 -13.12 -4.24
C ALA A 135 0.85 -13.10 -4.55
N ALA A 136 1.35 -14.19 -5.14
CA ALA A 136 2.81 -14.30 -5.42
C ALA A 136 3.29 -13.20 -6.37
N LEU A 137 2.43 -12.76 -7.30
CA LEU A 137 2.84 -11.76 -8.31
C LEU A 137 2.68 -10.32 -7.80
N GLU A 138 1.88 -10.15 -6.74
CA GLU A 138 1.76 -8.83 -6.14
C GLU A 138 3.09 -8.46 -5.50
N ASP A 139 3.43 -7.17 -5.48
CA ASP A 139 4.75 -6.82 -4.96
C ASP A 139 4.70 -5.42 -4.33
N ASN A 140 4.03 -5.31 -3.18
CA ASN A 140 3.88 -4.02 -2.55
C ASN A 140 5.23 -3.33 -2.31
N PRO A 141 6.30 -4.09 -1.96
CA PRO A 141 7.58 -3.38 -1.70
C PRO A 141 8.17 -2.68 -2.94
N LYS A 142 7.63 -2.96 -4.13
CA LYS A 142 8.14 -2.30 -5.34
C LYS A 142 7.20 -1.23 -5.86
N THR A 143 6.15 -0.89 -5.10
CA THR A 143 5.17 0.08 -5.59
C THR A 143 5.71 1.51 -5.49
N TYR A 144 5.10 2.43 -6.26
CA TYR A 144 5.49 3.84 -6.28
C TYR A 144 5.46 4.43 -4.85
N GLY A 145 4.45 4.06 -4.06
CA GLY A 145 4.35 4.69 -2.74
C GLY A 145 5.44 4.23 -1.78
N VAL A 146 5.69 2.92 -1.78
CA VAL A 146 6.77 2.37 -0.95
C VAL A 146 8.18 2.83 -1.40
N LEU A 147 8.40 2.86 -2.71
CA LEU A 147 9.69 3.31 -3.22
C LEU A 147 9.95 4.80 -2.85
N ALA A 148 8.89 5.61 -2.87
CA ALA A 148 8.99 7.01 -2.43
C ALA A 148 9.33 7.08 -0.93
N ALA A 149 8.64 6.29 -0.12
CA ALA A 149 8.93 6.30 1.33
C ALA A 149 10.37 5.82 1.58
N ASN A 150 10.80 4.76 0.91
CA ASN A 150 12.19 4.32 0.99
C ASN A 150 13.18 5.45 0.66
N ALA A 151 12.94 6.16 -0.44
CA ALA A 151 13.86 7.24 -0.86
C ALA A 151 13.92 8.36 0.20
N LEU A 152 12.83 8.54 0.92
CA LEU A 152 12.77 9.61 1.94
C LEU A 152 13.20 9.09 3.31
N GLY A 153 13.57 7.82 3.39
CA GLY A 153 13.98 7.27 4.67
C GLY A 153 12.80 7.21 5.65
N ALA A 154 11.58 7.09 5.13
CA ALA A 154 10.40 7.12 6.00
C ALA A 154 9.76 5.75 6.24
N ASP A 155 9.25 5.53 7.46
CA ASP A 155 8.35 4.41 7.70
C ASP A 155 7.06 4.69 6.94
N TYR A 156 6.29 3.66 6.66
CA TYR A 156 5.06 3.90 5.92
C TYR A 156 3.97 2.92 6.38
N SER A 157 2.76 3.25 6.00
CA SER A 157 1.60 2.40 6.20
C SER A 157 0.79 2.43 4.93
N VAL A 158 0.63 1.25 4.30
CA VAL A 158 -0.19 1.11 3.11
C VAL A 158 -1.57 0.62 3.53
N VAL A 159 -2.59 1.37 3.14
CA VAL A 159 -3.96 0.95 3.33
C VAL A 159 -4.60 0.93 1.96
N ALA A 160 -4.72 -0.26 1.38
CA ALA A 160 -5.14 -0.36 -0.02
C ALA A 160 -5.77 -1.69 -0.29
N TRP A 161 -6.68 -1.73 -1.27
CA TRP A 161 -7.46 -2.95 -1.51
C TRP A 161 -7.84 -2.92 -2.99
N SER A 162 -7.54 -3.98 -3.73
CA SER A 162 -7.80 -3.97 -5.17
C SER A 162 -9.29 -3.82 -5.47
N GLY A 163 -9.60 -2.98 -6.45
CA GLY A 163 -10.96 -2.82 -6.94
C GLY A 163 -11.73 -1.74 -6.21
N LYS A 164 -11.12 -1.18 -5.16
CA LYS A 164 -11.83 -0.24 -4.32
C LYS A 164 -11.76 1.17 -4.85
N GLY A 165 -12.81 1.93 -4.57
CA GLY A 165 -12.85 3.32 -4.98
C GLY A 165 -13.07 4.29 -3.82
N LEU A 166 -13.19 5.56 -4.18
CA LEU A 166 -13.52 6.63 -3.27
C LEU A 166 -15.04 6.77 -3.05
N ILE A 167 -15.81 6.85 -4.15
CA ILE A 167 -17.27 6.93 -4.04
C ILE A 167 -17.95 5.67 -4.57
N ARG A 168 -17.29 4.92 -5.45
CA ARG A 168 -17.85 3.67 -5.91
C ARG A 168 -16.73 2.74 -6.35
N ASN A 169 -16.92 1.45 -6.12
CA ASN A 169 -15.89 0.47 -6.45
C ASN A 169 -15.91 0.05 -7.92
N PHE A 170 -15.11 -0.97 -8.24
CA PHE A 170 -14.95 -1.45 -9.60
C PHE A 170 -16.32 -1.75 -10.22
N ALA A 171 -16.48 -1.42 -11.51
CA ALA A 171 -17.77 -1.59 -12.17
C ALA A 171 -18.04 -3.05 -12.48
N SER A 172 -18.95 -3.65 -11.72
CA SER A 172 -19.44 -4.99 -12.06
C SER A 172 -20.95 -4.97 -12.18
N GLY A 173 -21.50 -5.94 -12.92
CA GLY A 173 -22.94 -6.04 -13.12
C GLY A 173 -23.69 -6.27 -11.83
N SER A 174 -23.20 -7.19 -11.01
CA SER A 174 -23.62 -7.24 -9.61
C SER A 174 -23.10 -5.96 -9.00
N PRO A 175 -23.99 -5.14 -8.42
CA PRO A 175 -23.40 -3.89 -7.93
C PRO A 175 -22.48 -4.15 -6.73
N ASP A 176 -21.21 -3.79 -6.90
CA ASP A 176 -20.21 -4.02 -5.85
C ASP A 176 -20.38 -3.02 -4.71
N THR A 177 -21.47 -3.23 -3.98
CA THR A 177 -21.88 -2.40 -2.88
C THR A 177 -21.16 -2.65 -1.54
N SER A 178 -19.97 -3.22 -1.59
CA SER A 178 -19.14 -3.42 -0.41
C SER A 178 -18.43 -2.10 0.03
N PRO A 179 -17.68 -2.13 1.15
CA PRO A 179 -17.11 -0.86 1.65
C PRO A 179 -16.23 -0.13 0.63
N LEU A 180 -16.28 1.20 0.66
CA LEU A 180 -15.33 2.06 -0.05
C LEU A 180 -14.04 2.28 0.76
N MET A 181 -13.00 2.82 0.15
CA MET A 181 -11.74 3.00 0.89
C MET A 181 -11.87 3.83 2.17
N PRO A 182 -12.69 4.92 2.18
CA PRO A 182 -12.73 5.69 3.44
C PRO A 182 -13.19 4.84 4.63
N GLN A 183 -14.20 4.02 4.42
CA GLN A 183 -14.66 3.12 5.47
C GLN A 183 -13.57 2.14 5.89
N LEU A 184 -12.90 1.56 4.90
CA LEU A 184 -11.85 0.59 5.16
C LEU A 184 -10.71 1.22 5.95
N TYR A 185 -10.42 2.47 5.64
CA TYR A 185 -9.39 3.22 6.37
C TYR A 185 -9.67 3.39 7.87
N THR A 186 -10.89 3.10 8.33
CA THR A 186 -11.18 3.19 9.78
C THR A 186 -10.88 1.88 10.51
N ARG A 187 -10.49 0.86 9.77
CA ARG A 187 -10.34 -0.47 10.37
C ARG A 187 -8.91 -0.74 10.76
N TYR A 188 -8.68 -1.55 11.80
CA TYR A 188 -7.31 -1.89 12.19
C TYR A 188 -6.73 -2.82 11.14
N GLY A 189 -7.10 -4.10 11.22
CA GLY A 189 -6.82 -5.01 10.13
C GLY A 189 -7.93 -4.87 9.12
N ALA A 190 -7.68 -5.27 7.87
CA ALA A 190 -8.65 -5.03 6.80
C ALA A 190 -10.03 -5.61 7.03
N ASN A 191 -10.13 -6.73 7.77
CA ASN A 191 -11.44 -7.32 7.98
C ASN A 191 -11.92 -7.10 9.41
N ASP A 192 -11.28 -6.21 10.16
CA ASP A 192 -11.73 -5.91 11.51
C ASP A 192 -12.94 -4.96 11.46
N ALA A 193 -13.57 -4.74 12.61
CA ALA A 193 -14.76 -3.89 12.68
C ALA A 193 -14.48 -2.49 12.18
N ASP A 194 -15.50 -1.87 11.59
CA ASP A 194 -15.47 -0.44 11.30
C ASP A 194 -15.09 0.33 12.54
N GLY A 195 -14.26 1.34 12.35
CA GLY A 195 -13.79 2.14 13.47
C GLY A 195 -12.84 1.46 14.45
N SER A 196 -12.31 0.30 14.10
CA SER A 196 -11.46 -0.41 15.06
C SER A 196 -10.02 0.13 15.10
N TYR A 197 -9.58 0.93 14.12
CA TYR A 197 -8.27 1.56 14.26
C TYR A 197 -8.34 2.76 15.21
N PRO A 198 -7.56 2.73 16.31
CA PRO A 198 -7.71 3.82 17.28
C PRO A 198 -6.89 5.08 16.93
N PHE A 199 -6.20 5.09 15.79
CA PHE A 199 -5.33 6.23 15.48
C PHE A 199 -4.38 6.59 16.67
N PRO A 200 -3.53 5.62 17.07
CA PRO A 200 -2.63 5.87 18.18
C PRO A 200 -1.65 6.97 17.82
N ARG A 201 -1.27 7.76 18.80
CA ARG A 201 -0.43 8.93 18.58
C ARG A 201 1.01 8.54 18.30
N SER A 202 1.32 7.26 18.49
CA SER A 202 2.63 6.73 18.10
C SER A 202 2.82 6.78 16.58
N TRP A 203 1.71 6.90 15.85
CA TRP A 203 1.80 6.97 14.37
C TRP A 203 1.13 8.26 13.92
N SER A 204 1.91 9.15 13.32
CA SER A 204 1.41 10.47 12.98
C SER A 204 2.05 10.91 11.66
N PRO A 205 1.43 10.53 10.53
CA PRO A 205 2.06 10.73 9.23
C PRO A 205 2.38 12.18 8.93
N ASP A 206 3.59 12.41 8.44
CA ASP A 206 3.98 13.70 7.92
C ASP A 206 3.31 13.94 6.58
N ALA A 207 3.08 12.84 5.88
CA ALA A 207 2.52 12.90 4.54
C ALA A 207 1.50 11.79 4.38
N VAL A 208 0.42 12.10 3.67
CA VAL A 208 -0.63 11.15 3.34
C VAL A 208 -0.83 11.19 1.84
N VAL A 209 -0.62 10.03 1.22
CA VAL A 209 -0.69 9.85 -0.21
C VAL A 209 -1.99 9.16 -0.57
N ILE A 210 -2.77 9.76 -1.46
CA ILE A 210 -4.04 9.14 -1.83
C ILE A 210 -4.10 8.95 -3.34
N ASN A 211 -4.33 7.70 -3.77
CA ASN A 211 -4.44 7.38 -5.18
C ASN A 211 -5.71 6.57 -5.44
N LEU A 212 -6.80 7.28 -5.73
CA LEU A 212 -8.09 6.64 -5.91
C LEU A 212 -8.84 7.30 -7.06
N GLY A 213 -9.60 6.50 -7.81
CA GLY A 213 -10.39 7.04 -8.91
C GLY A 213 -10.36 6.14 -10.13
N THR A 214 -9.34 5.28 -10.22
CA THR A 214 -9.30 4.36 -11.35
C THR A 214 -10.59 3.53 -11.38
N ASN A 215 -11.00 2.99 -10.25
CA ASN A 215 -12.26 2.22 -10.21
C ASN A 215 -13.52 3.09 -10.33
N ASP A 216 -13.49 4.28 -9.74
CA ASP A 216 -14.67 5.15 -9.77
C ASP A 216 -15.05 5.50 -11.21
N PHE A 217 -14.02 5.71 -12.03
CA PHE A 217 -14.24 6.16 -13.40
C PHE A 217 -14.72 5.05 -14.34
N GLY A 218 -14.51 3.80 -13.96
CA GLY A 218 -15.04 2.72 -14.80
C GLY A 218 -16.55 2.75 -14.91
N TYR A 219 -17.08 2.58 -16.13
CA TYR A 219 -18.54 2.60 -16.29
C TYR A 219 -19.04 1.78 -17.48
N LEU A 220 -18.19 1.61 -18.49
CA LEU A 220 -18.65 1.18 -19.82
C LEU A 220 -19.46 -0.10 -19.78
N GLY A 221 -20.71 -0.01 -20.24
CA GLY A 221 -21.60 -1.15 -20.35
C GLY A 221 -22.23 -1.62 -19.05
N VAL A 222 -21.92 -0.94 -17.96
CA VAL A 222 -22.36 -1.39 -16.64
C VAL A 222 -23.16 -0.32 -15.87
N ARG A 223 -22.66 0.92 -15.88
CA ARG A 223 -23.30 1.99 -15.12
C ARG A 223 -23.06 3.36 -15.76
N ASP A 224 -23.70 4.39 -15.21
CA ASP A 224 -23.49 5.74 -15.69
C ASP A 224 -22.05 6.17 -15.47
N PRO A 225 -21.53 7.05 -16.34
CA PRO A 225 -20.24 7.69 -16.05
C PRO A 225 -20.25 8.39 -14.68
N ILE A 226 -19.08 8.59 -14.10
CA ILE A 226 -18.92 9.08 -12.74
C ILE A 226 -19.58 10.46 -12.51
N ASP A 227 -20.10 10.66 -11.29
CA ASP A 227 -20.58 11.99 -10.91
C ASP A 227 -19.34 12.75 -10.50
N VAL A 228 -18.88 13.66 -11.34
CA VAL A 228 -17.59 14.30 -11.09
C VAL A 228 -17.61 15.17 -9.85
N ALA A 229 -18.71 15.89 -9.66
CA ALA A 229 -18.87 16.78 -8.54
C ALA A 229 -18.82 15.97 -7.25
N ALA A 230 -19.50 14.83 -7.26
CA ALA A 230 -19.50 13.95 -6.08
C ALA A 230 -18.10 13.39 -5.83
N TYR A 231 -17.38 13.04 -6.90
CA TYR A 231 -16.01 12.52 -6.74
C TYR A 231 -15.12 13.60 -6.08
N THR A 232 -15.20 14.80 -6.61
CA THR A 232 -14.48 15.96 -6.06
C THR A 232 -14.86 16.22 -4.60
N ASP A 233 -16.17 16.31 -4.34
CA ASP A 233 -16.66 16.57 -3.00
C ASP A 233 -16.15 15.50 -2.01
N ALA A 234 -16.16 14.25 -2.46
CA ALA A 234 -15.74 13.13 -1.61
C ALA A 234 -14.25 13.16 -1.32
N MET A 235 -13.48 13.57 -2.32
CA MET A 235 -12.03 13.69 -2.13
C MET A 235 -11.75 14.74 -1.04
N VAL A 236 -12.44 15.88 -1.10
CA VAL A 236 -12.27 16.91 -0.07
C VAL A 236 -12.67 16.35 1.30
N LYS A 237 -13.81 15.70 1.36
CA LYS A 237 -14.30 15.15 2.63
C LYS A 237 -13.37 14.07 3.24
N PHE A 238 -12.81 13.21 2.37
CA PHE A 238 -11.94 12.13 2.82
C PHE A 238 -10.67 12.75 3.48
N VAL A 239 -10.07 13.72 2.80
CA VAL A 239 -8.94 14.40 3.38
C VAL A 239 -9.34 15.11 4.70
N GLN A 240 -10.47 15.80 4.70
CA GLN A 240 -10.89 16.47 5.92
C GLN A 240 -11.07 15.43 7.03
N ASP A 241 -11.63 14.26 6.69
CA ASP A 241 -11.81 13.21 7.70
C ASP A 241 -10.45 12.71 8.23
N ILE A 242 -9.45 12.58 7.36
CA ILE A 242 -8.13 12.15 7.83
C ILE A 242 -7.48 13.24 8.69
N GLN A 243 -7.78 14.49 8.37
CA GLN A 243 -7.22 15.62 9.09
C GLN A 243 -7.77 15.72 10.51
N LYS A 244 -8.91 15.11 10.77
CA LYS A 244 -9.40 14.97 12.15
C LYS A 244 -8.33 14.30 13.01
N HIS A 245 -7.57 13.37 12.41
CA HIS A 245 -6.55 12.65 13.15
C HIS A 245 -5.15 13.21 12.95
N TYR A 246 -4.86 13.62 11.72
CA TYR A 246 -3.53 14.10 11.37
C TYR A 246 -3.60 15.51 10.81
N PRO A 247 -3.95 16.48 11.64
CA PRO A 247 -4.23 17.83 11.14
C PRO A 247 -3.03 18.51 10.47
N ARG A 248 -1.82 18.11 10.83
CA ARG A 248 -0.63 18.77 10.29
C ARG A 248 -0.10 18.07 9.03
N ALA A 249 -0.69 16.96 8.62
CA ALA A 249 -0.10 16.22 7.49
C ALA A 249 -0.27 16.99 6.19
N HIS A 250 0.69 16.82 5.26
CA HIS A 250 0.47 17.24 3.89
C HIS A 250 -0.14 16.09 3.10
N PHE A 251 -1.03 16.43 2.17
CA PHE A 251 -1.72 15.39 1.39
C PHE A 251 -1.30 15.45 -0.08
N PHE A 252 -1.06 14.28 -0.64
CA PHE A 252 -0.57 14.11 -2.01
C PHE A 252 -1.58 13.29 -2.79
N LEU A 253 -2.30 13.98 -3.67
CA LEU A 253 -3.42 13.42 -4.42
C LEU A 253 -3.01 13.13 -5.86
N LEU A 254 -3.03 11.86 -6.23
CA LEU A 254 -2.51 11.44 -7.54
C LEU A 254 -3.62 11.08 -8.51
N ASN A 255 -3.41 11.37 -9.78
CA ASN A 255 -4.30 10.86 -10.79
C ASN A 255 -3.75 9.48 -11.24
N SER A 256 -4.47 8.86 -12.16
CA SER A 256 -4.24 7.43 -12.43
C SER A 256 -3.43 7.16 -13.68
N PRO A 257 -2.37 6.35 -13.54
CA PRO A 257 -1.58 5.89 -14.69
C PRO A 257 -2.38 4.93 -15.59
N MET A 258 -3.52 4.41 -15.10
CA MET A 258 -4.35 3.52 -15.89
C MET A 258 -5.50 4.22 -16.61
N LEU A 259 -5.80 5.47 -16.26
CA LEU A 259 -6.85 6.18 -17.02
C LEU A 259 -6.22 6.94 -18.17
N SER A 260 -6.96 7.07 -19.27
CA SER A 260 -6.48 7.83 -20.42
C SER A 260 -7.59 8.75 -20.91
N ASP A 261 -7.28 9.55 -21.93
CA ASP A 261 -8.29 10.35 -22.61
C ASP A 261 -8.76 9.70 -23.89
N THR A 262 -8.35 8.46 -24.13
CA THR A 262 -8.78 7.77 -25.36
C THR A 262 -9.67 6.57 -25.10
N TRP A 263 -9.67 6.09 -23.86
CA TRP A 263 -10.52 4.96 -23.48
C TRP A 263 -11.44 5.39 -22.35
N PRO A 264 -12.70 4.91 -22.38
CA PRO A 264 -13.35 4.11 -23.44
C PRO A 264 -13.59 4.88 -24.72
N THR A 265 -13.77 6.18 -24.59
CA THR A 265 -14.02 7.05 -25.73
C THR A 265 -13.24 8.34 -25.53
N ALA A 266 -12.98 9.05 -26.62
CA ALA A 266 -12.30 10.33 -26.55
C ALA A 266 -13.16 11.35 -25.81
N ALA A 267 -14.47 11.27 -26.05
CA ALA A 267 -15.42 12.18 -25.42
C ALA A 267 -15.37 12.14 -23.89
N ASP A 268 -15.19 10.94 -23.33
CA ASP A 268 -15.11 10.78 -21.88
C ASP A 268 -13.94 11.55 -21.30
N ALA A 269 -12.85 11.68 -22.06
CA ALA A 269 -11.60 12.29 -21.60
C ALA A 269 -11.32 11.98 -20.14
N GLN A 270 -11.32 10.69 -19.79
CA GLN A 270 -11.33 10.31 -18.39
C GLN A 270 -10.12 10.86 -17.57
N LYS A 271 -8.93 10.83 -18.15
CA LYS A 271 -7.72 11.24 -17.43
C LYS A 271 -7.70 12.75 -17.16
N THR A 272 -8.02 13.53 -18.18
CA THR A 272 -8.15 14.98 -17.98
C THR A 272 -9.28 15.28 -16.99
N THR A 273 -10.41 14.61 -17.13
CA THR A 273 -11.55 14.82 -16.22
C THR A 273 -11.14 14.54 -14.76
N GLN A 274 -10.47 13.41 -14.51
CA GLN A 274 -9.99 13.09 -13.16
C GLN A 274 -8.98 14.10 -12.67
N THR A 275 -8.09 14.51 -13.58
CA THR A 275 -7.03 15.42 -13.21
C THR A 275 -7.59 16.74 -12.75
N ASN A 276 -8.54 17.27 -13.51
CA ASN A 276 -9.16 18.54 -13.15
C ASN A 276 -9.94 18.45 -11.84
N ALA A 277 -10.64 17.34 -11.64
CA ALA A 277 -11.39 17.11 -10.40
C ALA A 277 -10.45 17.11 -9.19
N ILE A 278 -9.30 16.47 -9.33
CA ILE A 278 -8.36 16.43 -8.22
C ILE A 278 -7.78 17.81 -7.93
N LYS A 279 -7.44 18.54 -8.99
CA LYS A 279 -6.90 19.88 -8.82
C LYS A 279 -7.91 20.77 -8.13
N ASN A 280 -9.16 20.62 -8.53
CA ASN A 280 -10.25 21.32 -7.84
C ASN A 280 -10.27 20.99 -6.34
N ALA A 281 -10.20 19.70 -6.01
CA ALA A 281 -10.15 19.28 -4.60
C ALA A 281 -8.96 19.91 -3.88
N VAL A 282 -7.78 19.89 -4.53
CA VAL A 282 -6.59 20.50 -3.97
C VAL A 282 -6.79 21.98 -3.70
N SER A 283 -7.39 22.68 -4.66
CA SER A 283 -7.71 24.09 -4.47
C SER A 283 -8.62 24.33 -3.25
N ARG A 284 -9.63 23.47 -3.06
CA ARG A 284 -10.55 23.64 -1.92
C ARG A 284 -9.84 23.30 -0.59
N LEU A 285 -8.85 22.41 -0.63
CA LEU A 285 -8.23 21.93 0.61
C LEU A 285 -7.15 22.86 1.15
N GLY A 286 -6.59 23.68 0.29
CA GLY A 286 -5.57 24.62 0.74
C GLY A 286 -4.14 24.15 0.60
N ALA A 287 -3.25 24.86 1.28
CA ALA A 287 -1.83 24.78 1.07
C ALA A 287 -1.20 23.42 1.47
N LYS A 288 -1.85 22.64 2.32
CA LYS A 288 -1.25 21.36 2.70
C LYS A 288 -1.69 20.22 1.78
N ALA A 289 -2.48 20.54 0.76
CA ALA A 289 -2.85 19.56 -0.27
C ALA A 289 -2.03 19.81 -1.52
N HIS A 290 -1.67 18.73 -2.22
CA HIS A 290 -0.79 18.82 -3.37
C HIS A 290 -1.22 17.85 -4.44
N PHE A 291 -1.30 18.32 -5.69
CA PHE A 291 -1.57 17.40 -6.80
C PHE A 291 -0.28 16.81 -7.34
N VAL A 292 -0.28 15.50 -7.55
CA VAL A 292 0.92 14.87 -8.08
C VAL A 292 0.49 14.10 -9.34
N ASP A 293 1.07 14.45 -10.48
CA ASP A 293 0.69 13.82 -11.75
C ASP A 293 1.32 12.46 -11.91
N TRP A 294 0.57 11.53 -12.49
CA TRP A 294 1.10 10.25 -12.92
C TRP A 294 0.66 10.05 -14.37
N PRO A 295 1.57 10.32 -15.31
CA PRO A 295 1.21 10.24 -16.72
C PRO A 295 0.71 8.84 -17.08
N THR A 296 -0.31 8.78 -17.92
CA THR A 296 -0.82 7.51 -18.43
C THR A 296 0.35 6.64 -18.86
N GLN A 297 0.35 5.39 -18.42
CA GLN A 297 1.50 4.50 -18.64
C GLN A 297 1.62 4.10 -20.12
N GLY A 298 2.76 3.52 -20.49
CA GLY A 298 2.94 2.98 -21.84
C GLY A 298 2.40 1.56 -22.03
N SER A 299 2.82 0.92 -23.11
CA SER A 299 2.28 -0.38 -23.45
C SER A 299 2.81 -1.52 -22.59
N ASP A 300 3.97 -1.36 -21.96
CA ASP A 300 4.48 -2.44 -21.12
C ASP A 300 3.77 -2.44 -19.77
N VAL A 301 3.12 -3.56 -19.43
CA VAL A 301 2.30 -3.60 -18.23
C VAL A 301 2.39 -4.97 -17.54
N GLY A 302 1.89 -5.03 -16.31
CA GLY A 302 1.81 -6.29 -15.58
C GLY A 302 0.42 -6.89 -15.79
N CYS A 303 -0.02 -7.75 -14.86
CA CYS A 303 -1.29 -8.48 -15.07
C CYS A 303 -2.42 -7.48 -15.17
N ASP A 304 -3.33 -7.72 -16.13
CA ASP A 304 -4.57 -6.94 -16.24
C ASP A 304 -4.27 -5.45 -16.41
N TYR A 305 -3.24 -5.16 -17.22
CA TYR A 305 -2.81 -3.78 -17.52
C TYR A 305 -2.41 -2.94 -16.31
N HIS A 306 -1.95 -3.58 -15.24
CA HIS A 306 -1.49 -2.79 -14.09
C HIS A 306 -0.05 -2.35 -14.30
N PRO A 307 0.36 -1.29 -13.59
CA PRO A 307 1.74 -0.81 -13.79
C PRO A 307 2.80 -1.85 -13.44
N ASN A 308 3.85 -1.93 -14.26
CA ASN A 308 4.94 -2.86 -13.98
C ASN A 308 5.99 -2.18 -13.11
N ALA A 309 7.11 -2.85 -12.87
CA ALA A 309 8.10 -2.34 -11.92
C ALA A 309 8.67 -1.00 -12.39
N ALA A 310 8.97 -0.88 -13.68
CA ALA A 310 9.54 0.34 -14.22
C ALA A 310 8.60 1.53 -14.04
N THR A 311 7.32 1.30 -14.31
CA THR A 311 6.34 2.38 -14.18
C THR A 311 6.19 2.82 -12.74
N HIS A 312 6.15 1.85 -11.82
CA HIS A 312 6.13 2.20 -10.40
C HIS A 312 7.40 2.96 -10.00
N ALA A 313 8.57 2.51 -10.44
CA ALA A 313 9.80 3.09 -9.93
C ALA A 313 9.87 4.55 -10.39
N ALA A 314 9.45 4.82 -11.63
CA ALA A 314 9.49 6.18 -12.18
C ALA A 314 8.60 7.14 -11.37
N GLU A 315 7.40 6.70 -11.00
CA GLU A 315 6.52 7.60 -10.22
C GLU A 315 6.97 7.67 -8.76
N GLY A 316 7.66 6.62 -8.30
CA GLY A 316 8.21 6.65 -6.95
C GLY A 316 9.16 7.82 -6.82
N GLU A 317 9.96 8.04 -7.86
CA GLU A 317 10.89 9.18 -7.86
C GLU A 317 10.16 10.51 -7.92
N VAL A 318 9.15 10.58 -8.78
CA VAL A 318 8.35 11.81 -8.86
C VAL A 318 7.73 12.11 -7.49
N LEU A 319 7.15 11.10 -6.86
CA LEU A 319 6.44 11.32 -5.61
C LEU A 319 7.41 11.63 -4.48
N ALA A 320 8.54 10.94 -4.43
CA ALA A 320 9.54 11.25 -3.43
C ALA A 320 9.95 12.73 -3.49
N LYS A 321 10.22 13.24 -4.70
CA LYS A 321 10.63 14.64 -4.83
C LYS A 321 9.50 15.60 -4.40
N ALA A 322 8.27 15.26 -4.76
CA ALA A 322 7.14 16.14 -4.46
C ALA A 322 6.89 16.23 -2.95
N ILE A 323 7.01 15.10 -2.25
CA ILE A 323 6.83 15.09 -0.81
C ILE A 323 7.98 15.88 -0.19
N ALA A 324 9.19 15.58 -0.67
CA ALA A 324 10.39 16.25 -0.15
C ALA A 324 10.24 17.76 -0.30
N ALA A 325 9.78 18.19 -1.48
CA ALA A 325 9.68 19.64 -1.75
C ALA A 325 8.68 20.27 -0.80
N ALA A 326 7.54 19.59 -0.63
CA ALA A 326 6.47 20.09 0.22
C ALA A 326 6.91 20.17 1.68
N LEU A 327 7.72 19.21 2.12
CA LEU A 327 8.02 19.07 3.55
C LEU A 327 9.37 19.68 3.94
N GLY A 328 10.14 20.11 2.95
CA GLY A 328 11.47 20.65 3.20
C GLY A 328 12.47 19.54 3.52
N TRP A 329 12.26 18.36 2.95
CA TRP A 329 13.16 17.23 3.11
C TRP A 329 14.11 17.11 1.91
C1 GOL B . -7.57 -1.37 -22.48
O1 GOL B . -8.73 -1.66 -21.73
C2 GOL B . -6.95 -0.06 -21.99
O2 GOL B . -7.44 0.29 -20.72
C3 GOL B . -5.43 -0.20 -21.93
O3 GOL B . -4.90 -0.21 -23.23
CAA PEU C . -9.96 -15.56 1.19
OAB PEU C . -10.47 -15.51 -0.15
CAC PEU C . -11.95 -15.53 -0.21
CAD PEU C . -12.70 -15.49 -1.59
OAE PEU C . -12.39 -16.62 -2.44
CAF PEU C . -11.00 -16.69 -2.86
CAG PEU C . -10.42 -15.73 -3.91
OAH PEU C . -10.54 -14.32 -3.67
CAI PEU C . -9.78 -13.56 -4.66
CAJ PEU C . -10.10 -12.06 -4.63
OAK PEU C . -9.28 -11.34 -5.60
CAL PEU C . -9.88 -10.06 -5.87
CAM PEU C . -9.13 -9.22 -6.89
OAN PEU C . -10.04 -8.14 -7.17
CAO PEU C . -9.60 -7.24 -8.22
CAP PEU C . -10.94 -6.67 -8.59
OAQ PEU C . -11.25 -5.68 -9.60
CAR PEU C . -10.78 -5.93 -10.97
CAS PEU C . -9.31 -5.70 -11.37
OAT PEU C . -8.86 -4.30 -11.26
CAU PEU C . -8.88 -3.72 -9.92
CAV PEU C . -8.41 -2.24 -9.93
OAW PEU C . -8.35 -1.58 -8.64
#